data_7HAU
#
_entry.id   7HAU
#
_cell.length_a   66.086
_cell.length_b   89.696
_cell.length_c   100.204
_cell.angle_alpha   90.000
_cell.angle_beta   90.000
_cell.angle_gamma   90.000
#
_symmetry.space_group_name_H-M   'I 2 2 2'
#
loop_
_entity.id
_entity.type
_entity.pdbx_description
1 polymer 'Heat shock protein HSP 90-alpha'
2 non-polymer [2-(4-methylpiperazin-1-yl)phenyl]methanol
3 water water
#
_entity_poly.entity_id   1
_entity_poly.type   'polypeptide(L)'
_entity_poly.pdbx_seq_one_letter_code
;MDQPMEEEEVETFAFQAEIAQLMSLIINTFYSNKEIFLRELISNSSDALDKIRYESLTDPSKLDSGKELHINLIPNKQDR
TLTIVDTGIGMTKADLINNLGTIAKSGTKAFMEALQAGADISMIGQFGVGFYSAYLVAEKVTVITKHNDDEQYAWESSAG
GSFTVRTDTGEPMGRGTKVILHLKEDQTEYLEERRIKEIVKKHSQFIGYPITLFVEKERDKEVSDDEAELEHHHHHH
;
_entity_poly.pdbx_strand_id   A
#
loop_
_chem_comp.id
_chem_comp.type
_chem_comp.name
_chem_comp.formula
A1AYA non-polymer [2-(4-methylpiperazin-1-yl)phenyl]methanol 'C12 H18 N2 O'
#
# COMPACT_ATOMS: atom_id res chain seq x y z
N GLU A 9 7.20 -21.00 -8.38
CA GLU A 9 8.06 -20.23 -9.28
C GLU A 9 8.09 -18.76 -8.88
N VAL A 10 9.24 -18.31 -8.39
CA VAL A 10 9.42 -16.96 -7.89
C VAL A 10 10.33 -16.20 -8.85
N GLU A 11 9.90 -15.02 -9.26
CA GLU A 11 10.70 -14.14 -10.11
C GLU A 11 11.25 -12.99 -9.25
N THR A 12 12.56 -12.76 -9.34
CA THR A 12 13.22 -11.69 -8.60
C THR A 12 13.61 -10.58 -9.57
N PHE A 13 13.26 -9.35 -9.20
CA PHE A 13 13.50 -8.17 -10.02
C PHE A 13 14.32 -7.16 -9.24
N ALA A 14 15.09 -6.37 -9.98
CA ALA A 14 15.81 -5.23 -9.40
C ALA A 14 14.94 -3.99 -9.48
N PHE A 15 14.85 -3.25 -8.38
CA PHE A 15 14.24 -1.93 -8.44
C PHE A 15 15.02 -1.05 -9.41
N GLN A 16 14.30 -0.19 -10.14
CA GLN A 16 14.99 0.90 -10.81
C GLN A 16 15.80 1.69 -9.80
N ALA A 17 16.95 2.19 -10.23
CA ALA A 17 17.88 2.86 -9.32
C ALA A 17 17.20 3.98 -8.55
N GLU A 18 16.33 4.76 -9.21
CA GLU A 18 15.67 5.86 -8.53
C GLU A 18 14.71 5.38 -7.44
N ILE A 19 14.07 4.23 -7.65
CA ILE A 19 13.16 3.71 -6.63
C ILE A 19 13.94 3.13 -5.47
N ALA A 20 15.07 2.46 -5.75
CA ALA A 20 15.94 2.01 -4.67
C ALA A 20 16.41 3.19 -3.83
N GLN A 21 16.73 4.31 -4.48
CA GLN A 21 17.19 5.48 -3.74
C GLN A 21 16.07 6.06 -2.90
N LEU A 22 14.84 6.02 -3.40
CA LEU A 22 13.69 6.49 -2.63
C LEU A 22 13.49 5.65 -1.38
N MET A 23 13.54 4.31 -1.50
CA MET A 23 13.31 3.51 -0.31
C MET A 23 14.46 3.63 0.68
N SER A 24 15.70 3.75 0.21
CA SER A 24 16.79 3.93 1.17
C SER A 24 16.65 5.26 1.91
N LEU A 25 16.17 6.30 1.24
CA LEU A 25 15.92 7.57 1.92
C LEU A 25 14.82 7.43 2.97
N ILE A 26 13.73 6.75 2.61
CA ILE A 26 12.63 6.56 3.56
C ILE A 26 13.11 5.76 4.76
N ILE A 27 14.01 4.79 4.54
CA ILE A 27 14.43 3.91 5.60
C ILE A 27 15.45 4.59 6.52
N ASN A 28 16.33 5.41 5.95
CA ASN A 28 17.50 5.89 6.68
C ASN A 28 17.38 7.31 7.22
N THR A 29 16.46 8.12 6.69
CA THR A 29 16.32 9.50 7.17
C THR A 29 15.69 9.51 8.55
N PHE A 30 16.27 10.29 9.47
CA PHE A 30 15.61 10.50 10.76
C PHE A 30 14.37 11.34 10.56
N TYR A 31 13.21 10.78 10.88
CA TYR A 31 11.94 11.44 10.64
C TYR A 31 10.90 10.81 11.56
N SER A 32 10.44 11.57 12.57
CA SER A 32 9.65 10.99 13.64
C SER A 32 8.18 10.78 13.29
N ASN A 33 7.65 11.53 12.32
CA ASN A 33 6.22 11.52 12.03
C ASN A 33 5.84 10.34 11.12
N LYS A 34 6.10 9.13 11.64
CA LYS A 34 5.96 7.93 10.82
C LYS A 34 4.50 7.56 10.56
N GLU A 35 3.56 8.07 11.36
CA GLU A 35 2.18 7.60 11.28
C GLU A 35 1.53 7.89 9.94
N ILE A 36 2.08 8.82 9.15
CA ILE A 36 1.48 9.18 7.87
C ILE A 36 1.45 8.02 6.89
N PHE A 37 2.20 6.95 7.16
CA PHE A 37 2.14 5.78 6.28
C PHE A 37 0.71 5.28 6.10
N LEU A 38 -0.07 5.28 7.18
CA LEU A 38 -1.41 4.73 7.10
C LEU A 38 -2.31 5.62 6.25
N ARG A 39 -2.18 6.94 6.41
CA ARG A 39 -2.92 7.86 5.56
C ARG A 39 -2.62 7.61 4.08
N GLU A 40 -1.34 7.39 3.76
CA GLU A 40 -0.96 7.21 2.36
C GLU A 40 -1.54 5.92 1.79
N LEU A 41 -1.50 4.84 2.57
CA LEU A 41 -2.03 3.57 2.06
C LEU A 41 -3.54 3.59 1.97
N ILE A 42 -4.22 4.23 2.93
CA ILE A 42 -5.67 4.34 2.83
C ILE A 42 -6.04 5.20 1.63
N SER A 43 -5.26 6.25 1.37
CA SER A 43 -5.54 7.09 0.21
C SER A 43 -5.32 6.31 -1.09
N ASN A 44 -4.26 5.51 -1.15
CA ASN A 44 -4.06 4.60 -2.28
C ASN A 44 -5.27 3.69 -2.46
N SER A 45 -5.80 3.15 -1.37
CA SER A 45 -6.96 2.26 -1.45
C SER A 45 -8.18 3.01 -1.97
N SER A 46 -8.40 4.23 -1.49
CA SER A 46 -9.53 5.02 -1.97
C SER A 46 -9.41 5.29 -3.47
N ASP A 47 -8.20 5.62 -3.94
CA ASP A 47 -7.98 5.81 -5.37
C ASP A 47 -8.33 4.55 -6.17
N ALA A 48 -7.96 3.37 -5.66
CA ALA A 48 -8.23 2.13 -6.40
C ALA A 48 -9.71 1.79 -6.38
N LEU A 49 -10.40 2.10 -5.29
CA LEU A 49 -11.85 1.92 -5.24
C LEU A 49 -12.56 2.89 -6.19
N ASP A 50 -12.07 4.14 -6.27
CA ASP A 50 -12.63 5.08 -7.24
C ASP A 50 -12.58 4.51 -8.65
N LYS A 51 -11.47 3.82 -8.98
CA LYS A 51 -11.26 3.34 -10.34
C LYS A 51 -12.26 2.25 -10.72
N ILE A 52 -12.46 1.27 -9.84
CA ILE A 52 -13.42 0.22 -10.18
C ILE A 52 -14.84 0.76 -10.13
N ARG A 53 -15.13 1.73 -9.26
CA ARG A 53 -16.46 2.33 -9.25
C ARG A 53 -16.75 3.03 -10.58
N TYR A 54 -15.79 3.80 -11.08
CA TYR A 54 -16.01 4.49 -12.35
C TYR A 54 -16.22 3.51 -13.49
N GLU A 55 -15.46 2.41 -13.52
CA GLU A 55 -15.62 1.42 -14.58
C GLU A 55 -17.00 0.77 -14.50
N SER A 56 -17.48 0.51 -13.29
CA SER A 56 -18.78 -0.12 -13.11
C SER A 56 -19.94 0.79 -13.51
N LEU A 57 -19.68 2.10 -13.66
CA LEU A 57 -20.77 3.01 -14.04
C LEU A 57 -21.30 2.69 -15.43
N THR A 58 -20.44 2.23 -16.34
CA THR A 58 -20.86 1.87 -17.68
C THR A 58 -20.83 0.37 -17.95
N ASP A 59 -20.29 -0.43 -17.04
CA ASP A 59 -20.21 -1.88 -17.21
C ASP A 59 -20.41 -2.51 -15.84
N PRO A 60 -21.66 -2.82 -15.47
CA PRO A 60 -21.90 -3.36 -14.12
C PRO A 60 -21.24 -4.71 -13.87
N SER A 61 -20.98 -5.50 -14.91
CA SER A 61 -20.33 -6.79 -14.71
C SER A 61 -18.93 -6.66 -14.15
N LYS A 62 -18.34 -5.46 -14.17
CA LYS A 62 -17.04 -5.26 -13.55
C LYS A 62 -17.08 -5.51 -12.05
N LEU A 63 -18.26 -5.53 -11.44
CA LEU A 63 -18.40 -5.83 -10.03
C LEU A 63 -18.84 -7.26 -9.77
N ASP A 64 -18.82 -8.12 -10.80
CA ASP A 64 -19.15 -9.53 -10.58
C ASP A 64 -18.18 -10.18 -9.61
N SER A 65 -16.95 -9.67 -9.54
CA SER A 65 -15.93 -10.13 -8.61
C SER A 65 -16.11 -9.56 -7.21
N GLY A 66 -17.18 -8.80 -6.97
CA GLY A 66 -17.44 -8.24 -5.65
C GLY A 66 -18.10 -6.87 -5.71
N LYS A 67 -19.32 -6.77 -5.19
CA LYS A 67 -20.04 -5.51 -5.22
C LYS A 67 -19.62 -4.55 -4.10
N GLU A 68 -19.08 -5.06 -2.99
CA GLU A 68 -18.77 -4.22 -1.85
C GLU A 68 -17.47 -3.45 -2.09
N LEU A 69 -17.49 -2.16 -1.79
CA LEU A 69 -16.35 -1.25 -1.97
C LEU A 69 -15.98 -0.73 -0.59
N HIS A 70 -14.91 -1.28 0.00
CA HIS A 70 -14.57 -0.95 1.38
C HIS A 70 -13.07 -1.12 1.63
N ILE A 71 -12.66 -0.68 2.82
CA ILE A 71 -11.29 -0.77 3.30
C ILE A 71 -11.30 -1.41 4.68
N ASN A 72 -10.50 -2.47 4.86
CA ASN A 72 -10.36 -3.12 6.16
C ASN A 72 -8.94 -2.98 6.69
N LEU A 73 -8.84 -2.70 7.98
CA LEU A 73 -7.56 -2.62 8.68
C LEU A 73 -7.50 -3.77 9.67
N ILE A 74 -6.54 -4.67 9.49
CA ILE A 74 -6.47 -5.92 10.23
C ILE A 74 -5.14 -5.99 10.95
N PRO A 75 -5.07 -5.66 12.22
CA PRO A 75 -3.85 -5.87 12.99
C PRO A 75 -3.78 -7.29 13.53
N ASN A 76 -2.56 -7.81 13.60
CA ASN A 76 -2.31 -9.15 14.14
C ASN A 76 -1.04 -9.08 14.98
N LYS A 77 -1.20 -9.11 16.31
CA LYS A 77 -0.04 -8.97 17.19
C LYS A 77 0.84 -10.20 17.20
N GLN A 78 0.26 -11.40 16.97
CA GLN A 78 1.06 -12.61 17.00
C GLN A 78 2.00 -12.69 15.80
N ASP A 79 1.53 -12.25 14.63
CA ASP A 79 2.34 -12.19 13.43
C ASP A 79 3.12 -10.88 13.32
N ARG A 80 2.79 -9.89 14.15
CA ARG A 80 3.33 -8.53 14.06
C ARG A 80 3.12 -7.94 12.66
N THR A 81 1.89 -8.04 12.17
CA THR A 81 1.53 -7.50 10.87
C THR A 81 0.32 -6.59 10.97
N LEU A 82 0.33 -5.53 10.19
CA LEU A 82 -0.84 -4.70 9.94
C LEU A 82 -1.19 -4.84 8.47
N THR A 83 -2.41 -5.27 8.19
CA THR A 83 -2.85 -5.52 6.82
C THR A 83 -3.94 -4.51 6.43
N ILE A 84 -3.77 -3.88 5.28
CA ILE A 84 -4.74 -2.95 4.73
C ILE A 84 -5.34 -3.61 3.49
N VAL A 85 -6.63 -3.94 3.57
CA VAL A 85 -7.35 -4.65 2.51
C VAL A 85 -8.33 -3.68 1.88
N ASP A 86 -8.36 -3.64 0.55
CA ASP A 86 -9.38 -2.90 -0.17
C ASP A 86 -9.91 -3.78 -1.30
N THR A 87 -11.11 -3.47 -1.75
CA THR A 87 -11.74 -4.17 -2.86
C THR A 87 -11.75 -3.29 -4.11
N GLY A 88 -10.66 -2.55 -4.32
CA GLY A 88 -10.54 -1.69 -5.47
C GLY A 88 -10.28 -2.46 -6.75
N ILE A 89 -9.80 -1.74 -7.76
CA ILE A 89 -9.64 -2.31 -9.09
C ILE A 89 -8.54 -3.37 -9.13
N GLY A 90 -7.60 -3.33 -8.18
CA GLY A 90 -6.50 -4.28 -8.18
C GLY A 90 -5.44 -3.93 -9.19
N MET A 91 -4.45 -4.82 -9.30
CA MET A 91 -3.31 -4.59 -10.18
C MET A 91 -3.02 -5.86 -10.97
N THR A 92 -2.69 -5.67 -12.25
CA THR A 92 -2.18 -6.78 -13.05
C THR A 92 -0.74 -7.11 -12.65
N LYS A 93 -0.25 -8.25 -13.14
CA LYS A 93 1.16 -8.57 -12.97
C LYS A 93 2.04 -7.46 -13.54
N ALA A 94 1.67 -6.95 -14.71
CA ALA A 94 2.44 -5.87 -15.33
C ALA A 94 2.38 -4.60 -14.48
N ASP A 95 1.27 -4.39 -13.78
CA ASP A 95 1.15 -3.26 -12.86
C ASP A 95 2.07 -3.41 -11.66
N LEU A 96 2.20 -4.63 -11.13
CA LEU A 96 3.04 -4.86 -9.95
C LEU A 96 4.51 -4.59 -10.26
N ILE A 97 5.05 -5.28 -11.25
CA ILE A 97 6.21 -4.74 -11.95
C ILE A 97 5.79 -3.39 -12.49
N ASN A 98 6.75 -2.51 -12.80
CA ASN A 98 6.34 -1.14 -13.14
C ASN A 98 5.74 -0.46 -11.91
N ASN A 99 6.31 -0.77 -10.75
CA ASN A 99 6.22 0.05 -9.54
C ASN A 99 4.79 0.19 -9.02
N LEU A 100 4.09 -0.95 -8.96
CA LEU A 100 2.76 -1.03 -8.37
C LEU A 100 1.82 0.02 -8.96
N GLY A 101 1.85 0.14 -10.29
CA GLY A 101 0.93 1.02 -10.98
C GLY A 101 1.19 2.51 -10.83
N THR A 102 2.39 2.90 -10.40
CA THR A 102 2.72 4.30 -10.21
C THR A 102 3.70 4.75 -11.29
N ILE A 103 3.81 6.08 -11.44
CA ILE A 103 4.88 6.64 -12.25
C ILE A 103 6.02 7.01 -11.31
N ALA A 104 6.57 5.99 -10.65
CA ALA A 104 7.47 6.21 -9.51
C ALA A 104 8.76 6.89 -9.91
N LYS A 105 9.25 6.69 -11.14
CA LYS A 105 10.53 7.29 -11.52
C LYS A 105 10.42 8.81 -11.55
N SER A 106 9.43 9.35 -12.27
CA SER A 106 9.27 10.80 -12.28
C SER A 106 8.75 11.32 -10.94
N GLY A 107 7.97 10.51 -10.21
CA GLY A 107 7.49 10.95 -8.91
C GLY A 107 8.61 11.06 -7.90
N THR A 108 9.54 10.11 -7.89
CA THR A 108 10.70 10.20 -7.02
C THR A 108 11.54 11.43 -7.36
N LYS A 109 11.72 11.70 -8.65
CA LYS A 109 12.48 12.88 -9.06
C LYS A 109 11.91 14.14 -8.44
N ALA A 110 10.61 14.37 -8.62
CA ALA A 110 9.99 15.57 -8.08
C ALA A 110 10.02 15.57 -6.56
N PHE A 111 9.78 14.41 -5.94
CA PHE A 111 9.80 14.33 -4.48
C PHE A 111 11.16 14.73 -3.92
N MET A 112 12.24 14.23 -4.51
CA MET A 112 13.55 14.44 -3.94
C MET A 112 14.07 15.87 -4.15
N GLU A 113 13.62 16.54 -5.21
CA GLU A 113 13.94 17.96 -5.33
C GLU A 113 13.12 18.80 -4.35
N ALA A 114 11.90 18.36 -4.06
CA ALA A 114 11.09 19.07 -3.07
C ALA A 114 11.71 18.97 -1.69
N LEU A 115 12.25 17.80 -1.33
CA LEU A 115 12.88 17.63 -0.03
C LEU A 115 14.06 18.58 0.14
N GLN A 116 14.91 18.68 -0.89
CA GLN A 116 16.02 19.62 -0.84
C GLN A 116 15.55 21.07 -0.88
N ALA A 117 14.30 21.31 -1.24
CA ALA A 117 13.74 22.66 -1.33
C ALA A 117 12.77 22.98 -0.18
N GLY A 118 12.83 22.22 0.90
CA GLY A 118 12.10 22.53 2.12
C GLY A 118 11.01 21.54 2.49
N ALA A 119 10.60 20.67 1.58
CA ALA A 119 9.54 19.72 1.88
C ALA A 119 10.04 18.67 2.88
N ASP A 120 9.08 17.96 3.47
CA ASP A 120 9.39 16.85 4.37
C ASP A 120 8.70 15.59 3.87
N ILE A 121 9.04 14.47 4.52
CA ILE A 121 8.63 13.16 4.03
C ILE A 121 7.10 13.00 4.07
N SER A 122 6.42 13.73 4.95
CA SER A 122 4.96 13.61 5.03
C SER A 122 4.27 13.99 3.72
N MET A 123 4.95 14.75 2.86
CA MET A 123 4.36 15.22 1.60
C MET A 123 4.52 14.22 0.47
N ILE A 124 4.94 12.99 0.77
CA ILE A 124 5.26 12.00 -0.25
C ILE A 124 4.07 11.71 -1.17
N GLY A 125 2.85 11.73 -0.61
CA GLY A 125 1.67 11.41 -1.40
C GLY A 125 1.39 12.39 -2.52
N GLN A 126 1.84 13.64 -2.38
CA GLN A 126 1.67 14.62 -3.44
C GLN A 126 2.49 14.30 -4.69
N PHE A 127 3.42 13.35 -4.60
CA PHE A 127 4.29 12.98 -5.71
C PHE A 127 3.98 11.58 -6.23
N GLY A 128 2.87 10.98 -5.78
CA GLY A 128 2.40 9.74 -6.34
C GLY A 128 3.17 8.50 -5.95
N VAL A 129 4.02 8.57 -4.93
CA VAL A 129 4.82 7.42 -4.51
C VAL A 129 4.57 7.13 -3.04
N GLY A 130 3.37 7.46 -2.57
CA GLY A 130 3.02 7.27 -1.17
C GLY A 130 3.08 5.83 -0.69
N PHE A 131 2.96 4.86 -1.60
CA PHE A 131 3.06 3.46 -1.19
C PHE A 131 4.36 3.19 -0.43
N TYR A 132 5.46 3.77 -0.90
CA TYR A 132 6.76 3.43 -0.33
C TYR A 132 6.95 3.97 1.09
N SER A 133 6.05 4.82 1.56
CA SER A 133 6.07 5.22 2.97
C SER A 133 5.78 4.05 3.90
N ALA A 134 5.31 2.92 3.37
CA ALA A 134 5.19 1.71 4.17
C ALA A 134 6.50 1.36 4.87
N TYR A 135 7.64 1.65 4.24
CA TYR A 135 8.92 1.30 4.81
C TYR A 135 9.35 2.24 5.94
N LEU A 136 8.49 3.20 6.31
CA LEU A 136 8.69 3.93 7.55
C LEU A 136 8.49 3.03 8.76
N VAL A 137 7.65 2.00 8.64
CA VAL A 137 7.28 1.18 9.80
C VAL A 137 7.48 -0.31 9.54
N ALA A 138 7.64 -0.69 8.27
CA ALA A 138 7.68 -2.10 7.90
C ALA A 138 9.09 -2.49 7.46
N GLU A 139 9.58 -3.63 7.98
CA GLU A 139 10.83 -4.19 7.45
C GLU A 139 10.61 -4.99 6.19
N LYS A 140 9.38 -5.46 5.96
CA LYS A 140 9.03 -6.21 4.77
C LYS A 140 7.58 -5.88 4.45
N VAL A 141 7.27 -5.76 3.16
CA VAL A 141 5.91 -5.48 2.70
C VAL A 141 5.53 -6.54 1.67
N THR A 142 4.37 -7.16 1.85
CA THR A 142 3.80 -8.11 0.90
C THR A 142 2.52 -7.49 0.33
N VAL A 143 2.39 -7.52 -1.00
CA VAL A 143 1.20 -6.99 -1.67
C VAL A 143 0.54 -8.15 -2.43
N ILE A 144 -0.67 -8.52 -2.01
CA ILE A 144 -1.48 -9.51 -2.72
C ILE A 144 -2.54 -8.75 -3.51
N THR A 145 -2.70 -9.08 -4.79
CA THR A 145 -3.62 -8.30 -5.60
C THR A 145 -4.32 -9.19 -6.62
N LYS A 146 -5.54 -8.78 -6.99
CA LYS A 146 -6.34 -9.48 -7.99
C LYS A 146 -7.08 -8.44 -8.81
N HIS A 147 -6.77 -8.38 -10.10
CA HIS A 147 -7.42 -7.50 -11.06
C HIS A 147 -8.33 -8.35 -11.92
N ASN A 148 -9.45 -7.77 -12.38
CA ASN A 148 -10.40 -8.55 -13.18
C ASN A 148 -9.74 -9.18 -14.40
N ASP A 149 -8.69 -8.56 -14.96
CA ASP A 149 -8.10 -9.03 -16.20
C ASP A 149 -6.89 -9.91 -16.00
N ASP A 150 -6.58 -10.30 -14.76
CA ASP A 150 -5.38 -11.09 -14.51
C ASP A 150 -5.64 -12.06 -13.36
N GLU A 151 -4.62 -12.83 -13.01
CA GLU A 151 -4.68 -13.78 -11.91
C GLU A 151 -4.18 -13.11 -10.63
N GLN A 152 -4.31 -13.83 -9.52
CA GLN A 152 -3.89 -13.31 -8.22
C GLN A 152 -2.37 -13.45 -8.08
N TYR A 153 -1.72 -12.36 -7.70
CA TYR A 153 -0.26 -12.32 -7.59
C TYR A 153 0.15 -11.79 -6.23
N ALA A 154 1.37 -12.16 -5.83
CA ALA A 154 1.99 -11.71 -4.59
C ALA A 154 3.30 -11.01 -4.91
N TRP A 155 3.39 -9.73 -4.55
CA TRP A 155 4.61 -8.93 -4.63
C TRP A 155 5.22 -8.82 -3.23
N GLU A 156 6.55 -8.86 -3.15
CA GLU A 156 7.18 -8.80 -1.83
C GLU A 156 8.53 -8.13 -1.91
N SER A 157 8.87 -7.34 -0.88
CA SER A 157 10.19 -6.74 -0.82
C SER A 157 10.56 -6.37 0.61
N SER A 158 11.80 -6.70 0.97
CA SER A 158 12.40 -6.21 2.21
C SER A 158 13.37 -5.06 1.92
N ALA A 159 13.15 -4.34 0.83
CA ALA A 159 14.03 -3.28 0.31
C ALA A 159 15.34 -3.96 -0.11
N GLY A 160 16.49 -3.33 0.08
CA GLY A 160 17.73 -3.96 -0.36
C GLY A 160 17.90 -4.09 -1.86
N GLY A 161 17.06 -3.40 -2.64
CA GLY A 161 17.26 -3.28 -4.06
C GLY A 161 16.52 -4.26 -4.94
N SER A 162 15.70 -5.14 -4.36
CA SER A 162 15.03 -6.16 -5.17
C SER A 162 13.63 -6.42 -4.62
N PHE A 163 12.78 -6.95 -5.49
CA PHE A 163 11.45 -7.42 -5.10
C PHE A 163 11.17 -8.71 -5.84
N THR A 164 10.24 -9.50 -5.30
CA THR A 164 9.82 -10.74 -5.94
C THR A 164 8.35 -10.64 -6.35
N VAL A 165 8.00 -11.41 -7.38
CA VAL A 165 6.62 -11.58 -7.82
C VAL A 165 6.39 -13.06 -8.06
N ARG A 166 5.26 -13.57 -7.56
CA ARG A 166 4.91 -14.96 -7.75
C ARG A 166 3.40 -15.08 -7.83
N THR A 167 2.93 -16.15 -8.47
CA THR A 167 1.52 -16.48 -8.43
C THR A 167 1.12 -16.77 -6.99
N ASP A 168 0.03 -16.17 -6.54
CA ASP A 168 -0.43 -16.35 -5.17
C ASP A 168 -1.36 -17.55 -5.09
N THR A 169 -0.97 -18.55 -4.31
CA THR A 169 -1.78 -19.72 -4.06
C THR A 169 -2.60 -19.61 -2.79
N GLY A 170 -2.49 -18.50 -2.07
CA GLY A 170 -3.22 -18.30 -0.84
C GLY A 170 -4.72 -18.11 -1.05
N GLU A 171 -5.37 -17.57 -0.03
CA GLU A 171 -6.82 -17.40 -0.07
C GLU A 171 -7.23 -16.47 -1.19
N PRO A 172 -8.13 -16.89 -2.09
CA PRO A 172 -8.58 -16.00 -3.18
C PRO A 172 -9.19 -14.71 -2.64
N MET A 173 -9.00 -13.63 -3.40
CA MET A 173 -9.46 -12.31 -3.01
C MET A 173 -10.69 -11.80 -3.75
N GLY A 174 -11.04 -12.39 -4.89
CA GLY A 174 -12.12 -11.87 -5.69
C GLY A 174 -11.69 -10.69 -6.54
N ARG A 175 -11.37 -9.58 -5.90
CA ARG A 175 -10.84 -8.38 -6.55
C ARG A 175 -10.34 -7.42 -5.48
N GLY A 176 -9.20 -6.79 -5.73
CA GLY A 176 -8.71 -5.76 -4.84
C GLY A 176 -7.25 -5.96 -4.53
N THR A 177 -6.81 -5.31 -3.46
CA THR A 177 -5.40 -5.34 -3.09
C THR A 177 -5.29 -5.43 -1.57
N LYS A 178 -4.30 -6.22 -1.13
CA LYS A 178 -4.00 -6.43 0.28
C LYS A 178 -2.54 -6.06 0.52
N VAL A 179 -2.31 -5.05 1.37
CA VAL A 179 -0.94 -4.64 1.73
C VAL A 179 -0.66 -5.17 3.13
N ILE A 180 0.28 -6.10 3.23
CA ILE A 180 0.67 -6.69 4.50
C ILE A 180 1.96 -6.05 4.95
N LEU A 181 1.92 -5.34 6.08
CA LEU A 181 3.08 -4.67 6.63
C LEU A 181 3.67 -5.53 7.74
N HIS A 182 4.87 -6.05 7.51
CA HIS A 182 5.58 -6.80 8.54
C HIS A 182 6.36 -5.78 9.36
N LEU A 183 5.82 -5.41 10.51
CA LEU A 183 6.27 -4.19 11.19
C LEU A 183 7.63 -4.39 11.83
N LYS A 184 8.39 -3.29 11.88
CA LYS A 184 9.64 -3.27 12.64
C LYS A 184 9.36 -3.49 14.11
N GLU A 185 10.37 -4.02 14.81
CA GLU A 185 10.19 -4.43 16.21
C GLU A 185 9.77 -3.27 17.10
N ASP A 186 10.21 -2.06 16.79
CA ASP A 186 9.90 -0.90 17.63
C ASP A 186 8.73 -0.09 17.11
N GLN A 187 7.97 -0.61 16.15
CA GLN A 187 6.82 0.08 15.56
C GLN A 187 5.52 -0.65 15.84
N THR A 188 5.46 -1.42 16.93
CA THR A 188 4.25 -2.20 17.22
C THR A 188 3.11 -1.36 17.77
N GLU A 189 3.32 -0.05 17.98
CA GLU A 189 2.21 0.81 18.39
C GLU A 189 1.12 0.86 17.34
N TYR A 190 1.46 0.61 16.08
CA TYR A 190 0.48 0.64 15.00
C TYR A 190 -0.32 -0.65 14.89
N LEU A 191 -0.20 -1.53 15.89
CA LEU A 191 -1.10 -2.66 16.07
C LEU A 191 -2.10 -2.43 17.18
N GLU A 192 -1.99 -1.31 17.90
CA GLU A 192 -2.88 -1.00 19.02
C GLU A 192 -4.13 -0.30 18.51
N GLU A 193 -5.29 -0.77 18.99
CA GLU A 193 -6.58 -0.25 18.52
C GLU A 193 -6.68 1.26 18.64
N ARG A 194 -6.37 1.80 19.84
CA ARG A 194 -6.58 3.23 20.05
C ARG A 194 -5.63 4.06 19.19
N ARG A 195 -4.44 3.54 18.89
CA ARG A 195 -3.51 4.27 18.05
C ARG A 195 -3.98 4.31 16.61
N ILE A 196 -4.50 3.18 16.10
CA ILE A 196 -4.99 3.17 14.72
C ILE A 196 -6.22 4.06 14.58
N LYS A 197 -7.17 3.96 15.51
CA LYS A 197 -8.33 4.85 15.50
C LYS A 197 -7.92 6.32 15.48
N GLU A 198 -6.93 6.68 16.29
CA GLU A 198 -6.47 8.07 16.34
C GLU A 198 -5.93 8.52 14.99
N ILE A 199 -5.14 7.66 14.33
CA ILE A 199 -4.56 8.03 13.06
C ILE A 199 -5.63 8.16 11.98
N VAL A 200 -6.59 7.23 11.96
CA VAL A 200 -7.64 7.26 10.96
C VAL A 200 -8.50 8.51 11.13
N LYS A 201 -8.86 8.84 12.37
CA LYS A 201 -9.66 10.03 12.62
C LYS A 201 -8.88 11.29 12.26
N LYS A 202 -7.56 11.30 12.51
CA LYS A 202 -6.77 12.49 12.26
C LYS A 202 -6.58 12.76 10.77
N HIS A 203 -6.29 11.72 9.99
CA HIS A 203 -5.82 11.89 8.62
C HIS A 203 -6.76 11.37 7.54
N SER A 204 -7.77 10.58 7.87
CA SER A 204 -8.58 9.93 6.86
C SER A 204 -10.07 10.14 7.10
N GLN A 205 -10.44 11.29 7.65
CA GLN A 205 -11.84 11.50 8.04
C GLN A 205 -12.76 11.70 6.85
N PHE A 206 -12.22 12.03 5.68
CA PHE A 206 -13.04 12.30 4.50
C PHE A 206 -12.84 11.26 3.40
N ILE A 207 -12.42 10.06 3.75
CA ILE A 207 -12.35 8.96 2.79
C ILE A 207 -13.76 8.43 2.57
N GLY A 208 -14.18 8.35 1.30
CA GLY A 208 -15.56 8.06 0.97
C GLY A 208 -15.91 6.59 0.89
N TYR A 209 -15.25 5.77 1.69
CA TYR A 209 -15.52 4.34 1.76
C TYR A 209 -15.44 3.90 3.20
N PRO A 210 -16.24 2.92 3.61
CA PRO A 210 -16.18 2.45 5.01
C PRO A 210 -14.82 1.86 5.33
N ILE A 211 -14.24 2.32 6.44
CA ILE A 211 -12.96 1.82 6.95
C ILE A 211 -13.27 1.06 8.22
N THR A 212 -13.05 -0.25 8.21
CA THR A 212 -13.38 -1.10 9.34
C THR A 212 -12.10 -1.57 10.01
N LEU A 213 -11.94 -1.19 11.28
CA LEU A 213 -10.80 -1.62 12.08
C LEU A 213 -11.18 -2.92 12.80
N PHE A 214 -10.59 -4.03 12.38
CA PHE A 214 -10.82 -5.31 13.04
C PHE A 214 -10.22 -5.30 14.44
N VAL A 215 -10.84 -6.06 15.34
CA VAL A 215 -10.32 -6.24 16.69
C VAL A 215 -9.72 -7.65 16.79
N GLU A 216 -8.94 -7.88 17.84
CA GLU A 216 -8.25 -9.14 18.04
C GLU A 216 -8.73 -9.85 19.29
N LYS A 217 -8.41 -11.16 19.32
CA LYS A 217 -8.55 -12.13 20.42
C LYS A 217 -9.43 -13.28 19.98
C10 A1AYA B . -1.70 -0.70 -2.78
C12 A1AYA B . -3.80 0.57 -3.23
C1 A1AYA B . -2.22 2.99 -8.95
C11 A1AYA B . -2.37 0.24 -3.56
C2 A1AYA B . -3.84 2.76 -7.09
C3 A1AYA B . -3.28 1.49 -6.49
C4 A1AYA B . -1.97 3.24 -5.35
C5 A1AYA B . -1.63 3.80 -6.71
C6 A1AYA B . -1.66 0.84 -4.62
C7 A1AYA B . -0.35 0.49 -4.86
C8 A1AYA B . 0.28 -0.45 -4.06
C9 A1AYA B . -0.39 -1.05 -3.03
N1 A1AYA B . -2.73 3.59 -7.69
N2 A1AYA B . -2.29 1.81 -5.46
O1 A1AYA B . -4.70 -0.47 -3.61
#